data_8FXU
#
_entry.id   8FXU
#
_cell.length_a   45.490
_cell.length_b   53.060
_cell.length_c   134.320
_cell.angle_alpha   90.000
_cell.angle_beta   90.000
_cell.angle_gamma   90.000
#
_symmetry.space_group_name_H-M   'P 21 21 21'
#
loop_
_entity.id
_entity.type
_entity.pdbx_description
1 polymer 'D-galactose/methyl-galactoside binding periplasmic protein MglB'
2 non-polymer beta-D-glucopyranose
3 non-polymer 'CALCIUM ION'
4 non-polymer 'POTASSIUM ION'
5 non-polymer 2-bromo-1-[6-(dimethylamino)naphthalen-2-yl]ethan-1-one
6 non-polymer 'CHLORIDE ION'
7 water water
#
_entity_poly.entity_id   1
_entity_poly.type   'polypeptide(L)'
_entity_poly.pdbx_seq_one_letter_code
;MKQLNIGVAIYKFDDTCMTGVRNAMTAEAQGKAKLNMVDSQNSQPTQNDQVDLFITKKMNALAINPVDRTAAGTIIDKAK
QANIPVVFFNREPLPEDMKKWDKVYYVGAKAEQSGILQGQIMADYWKAHPEADKNHDGVMQYVMLMGQPGHQDAILRTQY
SIQTVKDAGIKVQELAKDYANWDRVTAHDKMAAWLSSFGDKIEAVFANNDDMALGAIEALKSAGYFTGNKYIPVVGVDAT
APGIQAIKDGTLLGTVLNDAKNQAKATFNIAYELAQGITPTKDNIGYDITDGKYVWIPYKKITKDNISDAE
;
_entity_poly.pdbx_strand_id   A
#
# COMPACT_ATOMS: atom_id res chain seq x y z
N MET A 1 17.52 18.29 26.20
CA MET A 1 17.29 18.71 24.84
C MET A 1 15.97 19.46 24.72
N LYS A 2 15.85 20.27 23.67
CA LYS A 2 14.60 20.92 23.32
C LYS A 2 13.56 19.89 22.88
N GLN A 3 12.32 20.02 23.33
CA GLN A 3 11.29 19.10 22.87
C GLN A 3 10.79 19.55 21.51
N LEU A 4 10.76 18.62 20.58
CA LEU A 4 10.20 18.86 19.26
C LEU A 4 8.90 18.08 19.17
N ASN A 5 7.85 18.73 18.67
CA ASN A 5 6.55 18.10 18.55
C ASN A 5 6.19 17.92 17.10
N ILE A 6 5.85 16.69 16.73
CA ILE A 6 5.42 16.43 15.36
C ILE A 6 4.00 15.92 15.39
N GLY A 7 3.12 16.56 14.62
CA GLY A 7 1.75 16.08 14.50
C GLY A 7 1.64 15.02 13.42
N VAL A 8 1.19 13.81 13.79
CA VAL A 8 1.09 12.72 12.82
C VAL A 8 -0.35 12.29 12.70
N ALA A 9 -0.89 12.33 11.48
CA ALA A 9 -2.25 11.83 11.27
C ALA A 9 -2.23 10.61 10.36
N ILE A 10 -2.82 9.51 10.84
CA ILE A 10 -2.87 8.22 10.13
C ILE A 10 -4.27 8.08 9.54
N TYR A 11 -4.41 7.66 8.28
CA TYR A 11 -5.73 7.77 7.64
C TYR A 11 -6.76 6.91 8.39
N LYS A 12 -6.35 5.73 8.85
CA LYS A 12 -7.18 4.96 9.79
C LYS A 12 -6.27 3.97 10.52
N PHE A 13 -6.56 3.76 11.81
CA PHE A 13 -5.72 2.87 12.62
C PHE A 13 -5.95 1.40 12.30
N ASP A 14 -7.15 1.04 11.85
CA ASP A 14 -7.45 -0.35 11.52
C ASP A 14 -7.06 -0.68 10.08
N ASP A 15 -5.85 -0.31 9.71
CA ASP A 15 -5.24 -0.67 8.44
C ASP A 15 -3.96 -1.43 8.79
N THR A 16 -3.81 -2.65 8.28
CA THR A 16 -2.68 -3.50 8.66
C THR A 16 -1.34 -2.89 8.28
N CYS A 17 -1.19 -2.47 7.02
CA CYS A 17 0.06 -1.83 6.62
C CYS A 17 0.37 -0.56 7.41
N MET A 18 -0.62 0.33 7.58
CA MET A 18 -0.31 1.60 8.21
C MET A 18 -0.06 1.41 9.71
N THR A 19 -0.52 0.31 10.29
CA THR A 19 -0.17 -0.02 11.67
C THR A 19 1.34 -0.28 11.77
N GLY A 20 1.87 -1.00 10.78
CA GLY A 20 3.31 -1.20 10.72
C GLY A 20 4.05 0.11 10.58
N VAL A 21 3.53 0.99 9.74
CA VAL A 21 4.21 2.26 9.52
C VAL A 21 4.18 3.10 10.79
N ARG A 22 3.03 3.24 11.44
CA ARG A 22 3.04 4.10 12.62
C ARG A 22 3.82 3.50 13.79
N ASN A 23 3.85 2.17 13.95
CA ASN A 23 4.72 1.57 14.97
C ASN A 23 6.19 1.82 14.68
N ALA A 24 6.57 1.75 13.41
CA ALA A 24 7.96 2.00 13.05
C ALA A 24 8.32 3.47 13.23
N MET A 25 7.38 4.36 12.94
CA MET A 25 7.58 5.79 13.19
C MET A 25 7.78 6.06 14.66
N THR A 26 6.94 5.44 15.48
CA THR A 26 7.05 5.58 16.92
C THR A 26 8.42 5.09 17.41
N ALA A 27 8.92 4.00 16.82
CA ALA A 27 10.23 3.48 17.20
C ALA A 27 11.35 4.43 16.81
N GLU A 28 11.26 5.01 15.61
CA GLU A 28 12.29 5.94 15.14
C GLU A 28 12.34 7.21 15.99
N ALA A 29 11.19 7.62 16.50
CA ALA A 29 11.06 8.89 17.22
C ALA A 29 11.53 8.80 18.67
N GLN A 30 11.56 7.58 19.22
CA GLN A 30 12.00 7.33 20.59
CA GLN A 30 11.92 7.44 20.63
C GLN A 30 13.27 8.10 20.92
N GLY A 31 13.23 8.98 21.92
CA GLY A 31 14.40 9.73 22.34
C GLY A 31 14.76 10.93 21.49
N LYS A 32 13.97 11.20 20.46
CA LYS A 32 14.31 12.25 19.49
C LYS A 32 13.26 13.35 19.39
N ALA A 33 12.01 12.94 19.27
CA ALA A 33 10.91 13.89 19.12
C ALA A 33 9.62 13.28 19.62
N LYS A 34 8.70 14.13 20.06
CA LYS A 34 7.41 13.67 20.52
C LYS A 34 6.44 13.59 19.34
N LEU A 35 5.91 12.40 19.08
CA LEU A 35 4.87 12.26 18.07
C LEU A 35 3.51 12.43 18.73
N ASN A 36 2.70 13.30 18.15
CA ASN A 36 1.32 13.44 18.57
C ASN A 36 0.48 12.77 17.50
N MET A 37 0.16 11.51 17.73
CA MET A 37 -0.37 10.67 16.65
C MET A 37 -1.85 10.43 16.80
N VAL A 38 -2.59 10.68 15.73
CA VAL A 38 -4.05 10.60 15.75
C VAL A 38 -4.57 9.72 14.64
N ASP A 39 -5.76 9.19 14.88
CA ASP A 39 -6.47 8.27 13.98
C ASP A 39 -7.55 9.07 13.24
N SER A 40 -7.43 9.17 11.92
CA SER A 40 -8.40 9.97 11.17
C SER A 40 -9.65 9.17 10.83
N GLN A 41 -9.68 7.89 11.21
CA GLN A 41 -10.88 7.04 11.06
C GLN A 41 -11.48 7.09 9.65
N ASN A 42 -10.61 7.15 8.65
CA ASN A 42 -10.99 7.13 7.23
C ASN A 42 -11.98 8.24 6.90
N SER A 43 -11.81 9.38 7.57
CA SER A 43 -12.66 10.54 7.36
C SER A 43 -11.81 11.80 7.15
N GLN A 44 -11.89 12.39 5.96
CA GLN A 44 -11.13 13.62 5.75
C GLN A 44 -11.66 14.77 6.63
N PRO A 45 -12.99 14.89 6.80
CA PRO A 45 -13.41 15.96 7.73
C PRO A 45 -12.82 15.80 9.13
N THR A 46 -12.72 14.57 9.61
CA THR A 46 -12.04 14.32 10.88
C THR A 46 -10.58 14.75 10.84
N GLN A 47 -9.88 14.36 9.78
CA GLN A 47 -8.48 14.71 9.64
C GLN A 47 -8.29 16.22 9.51
N ASN A 48 -9.21 16.89 8.82
CA ASN A 48 -9.09 18.35 8.69
C ASN A 48 -9.15 19.02 10.06
N ASP A 49 -10.04 18.52 10.93
CA ASP A 49 -10.13 19.02 12.30
C ASP A 49 -8.83 18.75 13.05
N GLN A 50 -8.25 17.58 12.81
CA GLN A 50 -7.02 17.21 13.50
C GLN A 50 -5.87 18.10 13.06
N VAL A 51 -5.79 18.37 11.76
CA VAL A 51 -4.76 19.26 11.23
C VAL A 51 -4.93 20.66 11.81
N ASP A 52 -6.18 21.14 11.87
CA ASP A 52 -6.43 22.45 12.47
C ASP A 52 -5.91 22.50 13.89
N LEU A 53 -6.11 21.43 14.66
CA LEU A 53 -5.68 21.41 16.05
C LEU A 53 -4.15 21.34 16.16
N PHE A 54 -3.51 20.54 15.30
CA PHE A 54 -2.04 20.50 15.24
C PHE A 54 -1.49 21.92 15.06
N ILE A 55 -2.14 22.68 14.19
CA ILE A 55 -1.68 24.03 13.88
C ILE A 55 -1.90 24.97 15.07
N THR A 56 -3.07 24.88 15.68
CA THR A 56 -3.38 25.69 16.87
C THR A 56 -2.39 25.37 17.99
N LYS A 57 -2.00 24.11 18.09
CA LYS A 57 -1.06 23.67 19.13
C LYS A 57 0.41 23.90 18.75
N LYS A 58 0.64 24.53 17.60
CA LYS A 58 1.99 24.93 17.15
C LYS A 58 2.98 23.75 17.10
N MET A 59 2.55 22.67 16.44
CA MET A 59 3.46 21.58 16.13
C MET A 59 4.64 22.16 15.37
N ASN A 60 5.82 21.56 15.56
CA ASN A 60 7.00 22.01 14.80
C ASN A 60 7.03 21.49 13.37
N ALA A 61 6.35 20.37 13.13
CA ALA A 61 6.19 19.81 11.78
C ALA A 61 4.98 18.89 11.75
N LEU A 62 4.48 18.62 10.55
CA LEU A 62 3.36 17.70 10.37
C LEU A 62 3.80 16.54 9.51
N ALA A 63 3.32 15.34 9.85
CA ALA A 63 3.46 14.17 8.99
C ALA A 63 2.06 13.64 8.76
N ILE A 64 1.56 13.78 7.54
CA ILE A 64 0.16 13.50 7.25
C ILE A 64 0.00 12.36 6.23
N ASN A 65 -0.81 11.36 6.61
CA ASN A 65 -1.23 10.28 5.73
C ASN A 65 -2.67 10.62 5.31
N PRO A 66 -2.85 11.35 4.19
CA PRO A 66 -4.15 12.00 3.97
C PRO A 66 -5.26 11.01 3.62
N VAL A 67 -6.45 11.20 4.18
CA VAL A 67 -7.56 10.29 3.90
C VAL A 67 -7.94 10.40 2.42
N ASP A 68 -8.23 11.63 2.01
CA ASP A 68 -8.47 11.98 0.62
C ASP A 68 -7.20 12.68 0.16
N ARG A 69 -6.40 12.02 -0.66
CA ARG A 69 -5.13 12.62 -1.01
C ARG A 69 -5.33 13.91 -1.84
N THR A 70 -6.50 14.10 -2.43
CA THR A 70 -6.75 15.38 -3.14
C THR A 70 -6.94 16.54 -2.14
N ALA A 71 -7.15 16.22 -0.86
CA ALA A 71 -7.27 17.26 0.16
C ALA A 71 -5.91 17.81 0.60
N ALA A 72 -4.82 17.24 0.10
CA ALA A 72 -3.50 17.68 0.51
C ALA A 72 -3.27 19.14 0.15
N GLY A 73 -3.89 19.62 -0.93
CA GLY A 73 -3.77 21.02 -1.31
C GLY A 73 -4.24 21.97 -0.23
N THR A 74 -5.42 21.71 0.31
CA THR A 74 -5.96 22.54 1.39
C THR A 74 -5.10 22.42 2.65
N ILE A 75 -4.57 21.22 2.91
CA ILE A 75 -3.70 21.02 4.07
C ILE A 75 -2.41 21.84 3.89
N ILE A 76 -1.86 21.84 2.68
CA ILE A 76 -0.65 22.63 2.40
C ILE A 76 -0.94 24.11 2.60
N ASP A 77 -2.09 24.59 2.13
CA ASP A 77 -2.48 25.99 2.33
C ASP A 77 -2.42 26.38 3.81
N LYS A 78 -3.02 25.53 4.65
CA LYS A 78 -3.09 25.81 6.08
C LYS A 78 -1.70 25.77 6.70
N ALA A 79 -0.93 24.76 6.31
CA ALA A 79 0.42 24.60 6.84
C ALA A 79 1.32 25.77 6.42
N LYS A 80 1.22 26.19 5.16
CA LYS A 80 2.00 27.32 4.67
C LYS A 80 1.67 28.59 5.45
N GLN A 81 0.38 28.83 5.67
CA GLN A 81 -0.06 30.00 6.41
C GLN A 81 0.49 29.98 7.83
N ALA A 82 0.55 28.81 8.45
CA ALA A 82 1.06 28.67 9.81
C ALA A 82 2.59 28.56 9.86
N ASN A 83 3.21 28.47 8.68
CA ASN A 83 4.65 28.20 8.54
C ASN A 83 5.08 26.93 9.28
N ILE A 84 4.26 25.88 9.17
CA ILE A 84 4.60 24.57 9.73
C ILE A 84 4.84 23.61 8.57
N PRO A 85 6.08 23.14 8.41
CA PRO A 85 6.40 22.25 7.29
C PRO A 85 5.64 20.94 7.37
N VAL A 86 5.44 20.28 6.23
CA VAL A 86 4.65 19.08 6.23
C VAL A 86 5.23 18.05 5.28
N VAL A 87 5.32 16.82 5.76
CA VAL A 87 5.64 15.69 4.91
C VAL A 87 4.40 14.80 4.83
N PHE A 88 4.00 14.46 3.62
CA PHE A 88 2.92 13.53 3.42
C PHE A 88 3.51 12.15 3.20
N PHE A 89 2.73 11.11 3.46
CA PHE A 89 3.27 9.78 3.21
C PHE A 89 2.16 8.79 2.89
N ASN A 90 2.52 7.83 2.03
CA ASN A 90 1.74 6.62 1.67
C ASN A 90 0.50 6.87 0.80
N ARG A 91 -0.20 7.98 1.00
CA ARG A 91 -1.30 8.39 0.14
C ARG A 91 -0.85 9.68 -0.52
N GLU A 92 -0.68 9.65 -1.85
CA GLU A 92 0.15 10.66 -2.53
C GLU A 92 -0.59 11.93 -2.98
N PRO A 93 -0.15 13.09 -2.51
CA PRO A 93 -0.72 14.34 -3.04
C PRO A 93 -0.54 14.47 -4.54
N LEU A 94 -1.45 15.19 -5.18
CA LEU A 94 -1.33 15.45 -6.61
C LEU A 94 -0.09 16.28 -6.89
N PRO A 95 0.58 15.99 -8.01
CA PRO A 95 1.88 16.61 -8.28
C PRO A 95 1.85 18.14 -8.27
N GLU A 96 0.81 18.78 -8.79
CA GLU A 96 0.75 20.23 -8.78
C GLU A 96 0.53 20.78 -7.36
N ASP A 97 -0.13 20.01 -6.50
CA ASP A 97 -0.31 20.43 -5.12
C ASP A 97 1.04 20.46 -4.41
N MET A 98 1.93 19.54 -4.78
CA MET A 98 3.27 19.46 -4.20
C MET A 98 4.09 20.71 -4.52
N LYS A 99 3.74 21.42 -5.60
CA LYS A 99 4.48 22.62 -5.99
C LYS A 99 4.00 23.90 -5.32
N LYS A 100 3.00 23.79 -4.45
CA LYS A 100 2.41 24.97 -3.79
C LYS A 100 3.34 25.62 -2.76
N TRP A 101 4.30 24.86 -2.23
CA TRP A 101 5.17 25.36 -1.17
C TRP A 101 6.49 24.59 -1.17
N ASP A 102 7.56 25.22 -0.71
CA ASP A 102 8.87 24.59 -0.76
C ASP A 102 9.27 23.94 0.57
N LYS A 103 8.29 23.71 1.43
CA LYS A 103 8.53 22.97 2.66
C LYS A 103 7.58 21.79 2.74
N VAL A 104 7.27 21.22 1.57
CA VAL A 104 6.39 20.06 1.45
C VAL A 104 7.11 18.87 0.84
N TYR A 105 6.96 17.69 1.44
CA TYR A 105 7.62 16.49 0.97
C TYR A 105 6.64 15.32 0.91
N TYR A 106 7.04 14.25 0.22
CA TYR A 106 6.24 13.03 0.17
C TYR A 106 7.15 11.82 0.28
N VAL A 107 6.79 10.87 1.14
CA VAL A 107 7.47 9.59 1.23
C VAL A 107 6.54 8.46 0.82
N GLY A 108 7.01 7.61 -0.08
CA GLY A 108 6.23 6.45 -0.47
C GLY A 108 7.05 5.50 -1.32
N ALA A 109 6.40 4.95 -2.34
CA ALA A 109 7.04 3.97 -3.19
C ALA A 109 6.37 4.04 -4.56
N LYS A 110 7.06 3.55 -5.58
CA LYS A 110 6.54 3.64 -6.95
C LYS A 110 5.58 2.51 -7.19
N ALA A 111 4.29 2.82 -7.14
CA ALA A 111 3.26 1.78 -7.22
C ALA A 111 3.37 0.98 -8.53
N GLU A 112 3.82 1.63 -9.61
CA GLU A 112 4.03 0.95 -10.87
C GLU A 112 4.93 -0.27 -10.70
N GLN A 113 5.98 -0.11 -9.91
CA GLN A 113 6.94 -1.17 -9.63
CA GLN A 113 6.91 -1.20 -9.72
C GLN A 113 6.28 -2.35 -8.93
N SER A 114 5.44 -2.05 -7.93
CA SER A 114 4.79 -3.15 -7.24
C SER A 114 3.82 -3.90 -8.18
N GLY A 115 3.15 -3.18 -9.07
CA GLY A 115 2.28 -3.81 -10.05
C GLY A 115 3.05 -4.72 -10.99
N ILE A 116 4.18 -4.22 -11.49
CA ILE A 116 5.02 -5.03 -12.38
C ILE A 116 5.47 -6.29 -11.66
N LEU A 117 5.95 -6.17 -10.42
CA LEU A 117 6.45 -7.34 -9.73
C LEU A 117 5.34 -8.36 -9.48
N GLN A 118 4.14 -7.88 -9.12
N GLN A 118 4.14 -7.87 -9.15
CA GLN A 118 2.96 -8.74 -9.00
CA GLN A 118 2.98 -8.73 -8.97
C GLN A 118 2.74 -9.52 -10.27
C GLN A 118 2.60 -9.48 -10.24
N GLY A 119 2.71 -8.79 -11.38
CA GLY A 119 2.43 -9.38 -12.68
C GLY A 119 3.46 -10.44 -13.04
N GLN A 120 4.72 -10.19 -12.70
CA GLN A 120 5.77 -11.17 -12.97
C GLN A 120 5.53 -12.48 -12.22
N ILE A 121 5.13 -12.37 -10.96
CA ILE A 121 4.86 -13.56 -10.15
C ILE A 121 3.80 -14.42 -10.85
N MET A 122 2.71 -13.77 -11.25
CA MET A 122 1.61 -14.52 -11.84
C MET A 122 1.98 -15.07 -13.22
N ALA A 123 2.70 -14.28 -14.02
CA ALA A 123 3.07 -14.72 -15.36
C ALA A 123 4.02 -15.90 -15.29
N ASP A 124 4.97 -15.84 -14.37
CA ASP A 124 5.93 -16.92 -14.25
C ASP A 124 5.25 -18.21 -13.77
N TYR A 125 4.29 -18.08 -12.85
CA TYR A 125 3.51 -19.23 -12.44
C TYR A 125 2.75 -19.83 -13.64
N TRP A 126 2.08 -18.97 -14.40
CA TRP A 126 1.26 -19.40 -15.52
C TRP A 126 2.09 -20.18 -16.54
N LYS A 127 3.27 -19.65 -16.86
CA LYS A 127 4.15 -20.27 -17.83
C LYS A 127 4.64 -21.66 -17.36
N ALA A 128 4.79 -21.82 -16.05
CA ALA A 128 5.35 -23.06 -15.51
C ALA A 128 4.29 -24.11 -15.22
N HIS A 129 3.01 -23.72 -15.27
CA HIS A 129 1.92 -24.61 -14.88
C HIS A 129 0.80 -24.66 -15.91
N PRO A 130 0.93 -25.54 -16.90
CA PRO A 130 -0.07 -25.69 -17.96
C PRO A 130 -1.47 -25.96 -17.42
N GLU A 131 -1.52 -26.63 -16.28
CA GLU A 131 -2.79 -27.01 -15.66
C GLU A 131 -3.57 -25.78 -15.16
N ALA A 132 -2.91 -24.63 -15.09
CA ALA A 132 -3.56 -23.41 -14.58
C ALA A 132 -4.65 -22.91 -15.52
N ASP A 133 -4.50 -23.20 -16.80
CA ASP A 133 -5.50 -22.84 -17.81
C ASP A 133 -6.60 -23.90 -17.80
N LYS A 134 -7.50 -23.77 -16.82
CA LYS A 134 -8.46 -24.81 -16.51
CA LYS A 134 -8.46 -24.83 -16.50
C LYS A 134 -9.47 -25.09 -17.63
N ASN A 135 -9.77 -24.09 -18.44
CA ASN A 135 -10.71 -24.32 -19.55
C ASN A 135 -9.98 -24.45 -20.90
N HIS A 136 -8.66 -24.52 -20.85
CA HIS A 136 -7.83 -24.83 -22.03
C HIS A 136 -8.06 -23.92 -23.23
N ASP A 137 -8.34 -22.64 -22.98
CA ASP A 137 -8.59 -21.71 -24.08
C ASP A 137 -7.38 -20.83 -24.41
N GLY A 138 -6.28 -21.04 -23.69
CA GLY A 138 -5.06 -20.27 -23.90
C GLY A 138 -5.15 -18.83 -23.42
N VAL A 139 -6.09 -18.58 -22.52
CA VAL A 139 -6.32 -17.25 -21.95
C VAL A 139 -6.40 -17.36 -20.42
N MET A 140 -5.76 -16.45 -19.70
CA MET A 140 -5.87 -16.42 -18.25
C MET A 140 -7.11 -15.67 -17.79
N GLN A 141 -8.10 -16.41 -17.30
CA GLN A 141 -9.29 -15.78 -16.70
C GLN A 141 -8.98 -15.32 -15.28
N TYR A 142 -9.12 -14.03 -15.01
CA TYR A 142 -8.76 -13.52 -13.68
C TYR A 142 -9.84 -12.62 -13.08
N VAL A 143 -9.75 -12.42 -11.76
CA VAL A 143 -10.52 -11.39 -11.07
C VAL A 143 -9.53 -10.47 -10.38
N MET A 144 -9.99 -9.24 -10.13
CA MET A 144 -9.14 -8.18 -9.61
C MET A 144 -9.81 -7.47 -8.44
N LEU A 145 -9.16 -7.53 -7.28
CA LEU A 145 -9.64 -6.83 -6.08
C LEU A 145 -8.86 -5.54 -5.92
N MET A 146 -9.52 -4.40 -6.16
CA MET A 146 -8.85 -3.10 -6.11
C MET A 146 -8.94 -2.49 -4.72
N GLY A 147 -8.02 -1.58 -4.42
CA GLY A 147 -8.06 -0.80 -3.19
C GLY A 147 -9.17 0.26 -3.17
N GLN A 148 -8.92 1.40 -2.55
CA GLN A 148 -9.91 2.46 -2.58
C GLN A 148 -9.89 3.20 -3.91
N PRO A 149 -11.07 3.61 -4.41
CA PRO A 149 -11.13 4.35 -5.68
C PRO A 149 -10.26 5.61 -5.63
N GLY A 150 -9.45 5.80 -6.65
CA GLY A 150 -8.65 7.02 -6.70
C GLY A 150 -7.35 7.05 -5.92
N HIS A 151 -7.12 6.04 -5.10
CA HIS A 151 -5.84 5.90 -4.42
C HIS A 151 -4.79 5.56 -5.47
N GLN A 152 -3.63 6.23 -5.46
CA GLN A 152 -2.65 6.00 -6.54
C GLN A 152 -2.15 4.54 -6.59
N ASP A 153 -2.08 3.87 -5.45
CA ASP A 153 -1.62 2.50 -5.46
C ASP A 153 -2.66 1.57 -6.08
N ALA A 154 -3.95 1.87 -5.86
CA ALA A 154 -4.99 1.05 -6.44
C ALA A 154 -4.98 1.24 -7.96
N ILE A 155 -4.90 2.49 -8.41
CA ILE A 155 -4.89 2.78 -9.84
C ILE A 155 -3.71 2.08 -10.51
N LEU A 156 -2.52 2.29 -9.96
CA LEU A 156 -1.31 1.84 -10.65
C LEU A 156 -1.04 0.35 -10.48
N ARG A 157 -1.35 -0.23 -9.32
CA ARG A 157 -1.14 -1.67 -9.18
C ARG A 157 -2.10 -2.43 -10.08
N THR A 158 -3.32 -1.94 -10.21
CA THR A 158 -4.31 -2.58 -11.06
C THR A 158 -3.87 -2.55 -12.53
N GLN A 159 -3.40 -1.38 -12.97
CA GLN A 159 -2.98 -1.18 -14.34
C GLN A 159 -1.73 -2.01 -14.66
N TYR A 160 -0.71 -1.90 -13.83
CA TYR A 160 0.58 -2.47 -14.21
C TYR A 160 0.69 -3.97 -13.98
N SER A 161 -0.08 -4.52 -13.05
CA SER A 161 -0.05 -5.98 -12.85
C SER A 161 -0.52 -6.66 -14.12
N ILE A 162 -1.66 -6.22 -14.65
CA ILE A 162 -2.24 -6.88 -15.81
C ILE A 162 -1.42 -6.56 -17.06
N GLN A 163 -0.98 -5.32 -17.24
CA GLN A 163 -0.17 -5.00 -18.40
C GLN A 163 1.09 -5.85 -18.43
N THR A 164 1.63 -6.15 -17.24
CA THR A 164 2.84 -6.94 -17.17
C THR A 164 2.61 -8.39 -17.59
N VAL A 165 1.46 -8.95 -17.20
CA VAL A 165 1.07 -10.27 -17.68
C VAL A 165 0.95 -10.27 -19.21
N LYS A 166 0.28 -9.26 -19.78
CA LYS A 166 0.17 -9.20 -21.24
C LYS A 166 1.54 -9.08 -21.89
N ASP A 167 2.40 -8.25 -21.30
CA ASP A 167 3.74 -8.03 -21.83
C ASP A 167 4.58 -9.32 -21.82
N ALA A 168 4.21 -10.25 -20.94
CA ALA A 168 4.88 -11.54 -20.84
C ALA A 168 4.40 -12.50 -21.92
N GLY A 169 3.48 -12.06 -22.77
CA GLY A 169 2.99 -12.85 -23.88
C GLY A 169 1.74 -13.65 -23.58
N ILE A 170 1.08 -13.35 -22.47
CA ILE A 170 -0.08 -14.12 -22.01
C ILE A 170 -1.37 -13.36 -22.32
N LYS A 171 -2.34 -14.04 -22.93
CA LYS A 171 -3.65 -13.44 -23.17
C LYS A 171 -4.46 -13.51 -21.89
N VAL A 172 -5.22 -12.45 -21.61
CA VAL A 172 -5.97 -12.40 -20.35
C VAL A 172 -7.43 -12.06 -20.60
N GLN A 173 -8.26 -12.42 -19.63
CA GLN A 173 -9.66 -12.05 -19.65
C GLN A 173 -10.10 -11.71 -18.25
N GLU A 174 -10.56 -10.48 -18.06
CA GLU A 174 -11.04 -9.99 -16.79
C GLU A 174 -12.49 -10.44 -16.55
N LEU A 175 -12.70 -11.41 -15.67
CA LEU A 175 -14.06 -11.86 -15.38
C LEU A 175 -14.81 -10.86 -14.50
N ALA A 176 -14.09 -10.23 -13.57
CA ALA A 176 -14.68 -9.27 -12.65
C ALA A 176 -13.61 -8.43 -12.01
N LYS A 177 -13.96 -7.20 -11.66
CA LYS A 177 -13.08 -6.38 -10.85
C LYS A 177 -13.95 -5.49 -10.01
N ASP A 178 -13.51 -5.17 -8.80
CA ASP A 178 -14.28 -4.27 -7.95
C ASP A 178 -13.38 -3.74 -6.88
N TYR A 179 -13.84 -2.67 -6.24
CA TYR A 179 -13.15 -2.05 -5.13
C TYR A 179 -13.50 -2.75 -3.82
N ALA A 180 -12.47 -3.18 -3.10
CA ALA A 180 -12.71 -3.68 -1.75
C ALA A 180 -11.97 -2.86 -0.69
N ASN A 181 -11.39 -1.72 -1.11
CA ASN A 181 -11.03 -0.64 -0.17
C ASN A 181 -9.95 -1.02 0.83
N TRP A 182 -9.09 -1.97 0.43
CA TRP A 182 -7.95 -2.47 1.22
C TRP A 182 -8.38 -3.37 2.36
N ASP A 183 -9.67 -3.70 2.40
N ASP A 183 -9.68 -3.67 2.45
CA ASP A 183 -10.27 -4.39 3.52
CA ASP A 183 -10.25 -4.37 3.62
C ASP A 183 -10.34 -5.90 3.30
C ASP A 183 -10.49 -5.86 3.40
N ARG A 184 -9.99 -6.66 4.33
CA ARG A 184 -10.06 -8.11 4.28
CA ARG A 184 -10.07 -8.10 4.25
C ARG A 184 -11.50 -8.61 4.15
N VAL A 185 -12.37 -8.14 5.04
CA VAL A 185 -13.74 -8.67 5.06
C VAL A 185 -14.48 -8.29 3.77
N THR A 186 -14.28 -7.08 3.29
CA THR A 186 -14.93 -6.67 2.04
C THR A 186 -14.47 -7.52 0.86
N ALA A 187 -13.17 -7.77 0.79
CA ALA A 187 -12.63 -8.63 -0.26
C ALA A 187 -13.19 -10.05 -0.17
N HIS A 188 -13.28 -10.56 1.06
CA HIS A 188 -13.89 -11.86 1.27
C HIS A 188 -15.29 -11.91 0.68
N ASP A 189 -16.08 -10.87 0.96
CA ASP A 189 -17.47 -10.85 0.52
C ASP A 189 -17.56 -10.74 -1.01
N LYS A 190 -16.71 -9.90 -1.60
CA LYS A 190 -16.68 -9.78 -3.07
C LYS A 190 -16.32 -11.12 -3.71
N MET A 191 -15.28 -11.76 -3.19
CA MET A 191 -14.79 -13.00 -3.75
C MET A 191 -15.81 -14.13 -3.62
N ALA A 192 -16.50 -14.18 -2.48
CA ALA A 192 -17.51 -15.22 -2.27
C ALA A 192 -18.60 -15.13 -3.33
N ALA A 193 -19.01 -13.89 -3.64
CA ALA A 193 -20.07 -13.67 -4.62
C ALA A 193 -19.58 -14.05 -6.02
N TRP A 194 -18.35 -13.65 -6.36
CA TRP A 194 -17.76 -14.10 -7.61
C TRP A 194 -17.70 -15.62 -7.72
N LEU A 195 -17.36 -16.32 -6.65
CA LEU A 195 -17.26 -17.78 -6.72
C LEU A 195 -18.63 -18.41 -6.98
N SER A 196 -19.67 -17.83 -6.41
N SER A 196 -19.68 -17.82 -6.41
CA SER A 196 -21.02 -18.30 -6.67
CA SER A 196 -21.03 -18.29 -6.67
C SER A 196 -21.39 -18.09 -8.14
C SER A 196 -21.42 -18.07 -8.12
N SER A 197 -21.01 -16.94 -8.68
CA SER A 197 -21.37 -16.59 -10.06
C SER A 197 -20.58 -17.35 -11.12
N PHE A 198 -19.27 -17.47 -10.93
CA PHE A 198 -18.36 -17.89 -12.00
C PHE A 198 -17.66 -19.19 -11.64
N GLY A 199 -17.55 -19.48 -10.36
CA GLY A 199 -17.03 -20.75 -9.90
C GLY A 199 -15.68 -21.13 -10.48
N ASP A 200 -15.64 -22.28 -11.14
CA ASP A 200 -14.36 -22.81 -11.60
CA ASP A 200 -14.39 -22.83 -11.63
C ASP A 200 -13.87 -22.10 -12.86
N LYS A 201 -14.56 -21.04 -13.28
CA LYS A 201 -14.04 -20.24 -14.40
C LYS A 201 -12.83 -19.40 -13.99
N ILE A 202 -12.74 -19.06 -12.70
CA ILE A 202 -11.67 -18.20 -12.23
C ILE A 202 -10.35 -18.96 -12.20
N GLU A 203 -9.34 -18.42 -12.86
CA GLU A 203 -8.05 -19.10 -12.95
C GLU A 203 -6.94 -18.38 -12.20
N ALA A 204 -7.18 -17.14 -11.81
CA ALA A 204 -6.17 -16.33 -11.14
C ALA A 204 -6.83 -15.19 -10.36
N VAL A 205 -6.26 -14.84 -9.22
CA VAL A 205 -6.77 -13.74 -8.41
C VAL A 205 -5.66 -12.73 -8.16
N PHE A 206 -5.90 -11.50 -8.57
CA PHE A 206 -5.01 -10.37 -8.23
C PHE A 206 -5.67 -9.52 -7.16
N ALA A 207 -4.91 -9.13 -6.13
CA ALA A 207 -5.41 -8.16 -5.16
C ALA A 207 -4.40 -7.05 -4.97
N ASN A 208 -4.88 -5.81 -4.84
CA ASN A 208 -3.95 -4.69 -4.72
C ASN A 208 -3.18 -4.70 -3.38
N ASN A 209 -3.66 -5.43 -2.37
CA ASN A 209 -2.86 -5.60 -1.15
C ASN A 209 -3.09 -6.97 -0.51
N ASP A 210 -2.29 -7.25 0.51
CA ASP A 210 -2.33 -8.54 1.18
C ASP A 210 -3.64 -8.77 1.91
N ASP A 211 -4.15 -7.74 2.59
CA ASP A 211 -5.38 -7.97 3.36
C ASP A 211 -6.51 -8.41 2.43
N MET A 212 -6.60 -7.81 1.25
CA MET A 212 -7.65 -8.24 0.32
C MET A 212 -7.36 -9.62 -0.24
N ALA A 213 -6.08 -9.93 -0.49
CA ALA A 213 -5.73 -11.27 -0.96
C ALA A 213 -6.12 -12.31 0.08
N LEU A 214 -5.92 -11.96 1.36
CA LEU A 214 -6.23 -12.89 2.46
C LEU A 214 -7.72 -13.12 2.60
N GLY A 215 -8.50 -12.07 2.40
CA GLY A 215 -9.95 -12.21 2.39
C GLY A 215 -10.40 -13.10 1.24
N ALA A 216 -9.80 -12.90 0.07
CA ALA A 216 -10.09 -13.74 -1.09
C ALA A 216 -9.73 -15.20 -0.78
N ILE A 217 -8.57 -15.42 -0.15
CA ILE A 217 -8.14 -16.76 0.20
C ILE A 217 -9.15 -17.43 1.15
N GLU A 218 -9.72 -16.68 2.08
CA GLU A 218 -10.70 -17.26 3.00
CA GLU A 218 -10.69 -17.26 2.99
C GLU A 218 -11.97 -17.66 2.26
N ALA A 219 -12.40 -16.87 1.27
CA ALA A 219 -13.55 -17.23 0.49
C ALA A 219 -13.25 -18.47 -0.35
N LEU A 220 -12.03 -18.54 -0.88
CA LEU A 220 -11.61 -19.70 -1.66
C LEU A 220 -11.56 -20.96 -0.80
N LYS A 221 -10.98 -20.87 0.40
CA LYS A 221 -11.01 -22.01 1.32
C LYS A 221 -12.44 -22.50 1.58
N SER A 222 -13.32 -21.55 1.88
CA SER A 222 -14.72 -21.86 2.16
C SER A 222 -15.38 -22.64 1.02
N ALA A 223 -14.95 -22.34 -0.20
CA ALA A 223 -15.48 -22.98 -1.40
C ALA A 223 -14.69 -24.22 -1.82
N GLY A 224 -13.74 -24.66 -1.00
CA GLY A 224 -13.08 -25.94 -1.23
C GLY A 224 -11.65 -25.92 -1.78
N TYR A 225 -11.09 -24.73 -1.96
CA TYR A 225 -9.71 -24.60 -2.45
C TYR A 225 -8.68 -24.84 -1.36
N PHE A 226 -7.47 -25.21 -1.79
CA PHE A 226 -6.30 -25.32 -0.92
C PHE A 226 -6.39 -26.50 0.02
N THR A 227 -7.23 -27.45 -0.35
CA THR A 227 -7.24 -28.79 0.26
C THR A 227 -7.40 -29.78 -0.89
N GLY A 228 -6.86 -30.98 -0.73
CA GLY A 228 -6.76 -31.85 -1.88
C GLY A 228 -5.86 -31.19 -2.91
N LYS A 230 -6.98 -28.96 -5.23
CA LYS A 230 -7.76 -27.85 -5.80
C LYS A 230 -7.10 -26.50 -5.50
N TYR A 231 -6.50 -25.91 -6.52
CA TYR A 231 -5.60 -24.79 -6.30
C TYR A 231 -5.91 -23.61 -7.22
N ILE A 232 -5.61 -22.40 -6.75
CA ILE A 232 -5.73 -21.21 -7.57
C ILE A 232 -4.64 -20.24 -7.12
N PRO A 233 -3.92 -19.62 -8.07
CA PRO A 233 -2.88 -18.66 -7.68
C PRO A 233 -3.46 -17.31 -7.27
N VAL A 234 -3.03 -16.83 -6.11
CA VAL A 234 -3.47 -15.55 -5.58
C VAL A 234 -2.23 -14.71 -5.33
N VAL A 235 -2.24 -13.45 -5.75
CA VAL A 235 -1.10 -12.55 -5.50
C VAL A 235 -1.56 -11.27 -4.82
N GLY A 236 -0.75 -10.76 -3.90
CA GLY A 236 -1.03 -9.51 -3.21
C GLY A 236 0.13 -8.53 -3.24
N VAL A 237 0.07 -7.53 -2.36
CA VAL A 237 1.16 -6.56 -2.14
C VAL A 237 1.20 -6.24 -0.66
N ASP A 238 2.40 -6.28 -0.06
CA ASP A 238 2.79 -5.65 1.21
C ASP A 238 3.81 -6.52 1.94
N ALA A 239 3.55 -7.82 1.95
CA ALA A 239 4.33 -8.79 2.75
C ALA A 239 4.19 -8.48 4.24
N THR A 240 2.95 -8.25 4.67
CA THR A 240 2.63 -8.13 6.08
C THR A 240 2.82 -9.48 6.75
N ALA A 241 2.79 -9.50 8.08
CA ALA A 241 2.95 -10.75 8.82
C ALA A 241 1.92 -11.82 8.36
N PRO A 242 0.62 -11.47 8.29
CA PRO A 242 -0.28 -12.53 7.80
C PRO A 242 -0.10 -12.85 6.31
N GLY A 243 0.37 -11.88 5.52
CA GLY A 243 0.70 -12.20 4.13
C GLY A 243 1.83 -13.22 4.03
N ILE A 244 2.89 -12.99 4.81
CA ILE A 244 4.02 -13.89 4.85
C ILE A 244 3.56 -15.28 5.29
N GLN A 245 2.69 -15.31 6.30
CA GLN A 245 2.18 -16.60 6.77
C GLN A 245 1.42 -17.35 5.67
N ALA A 246 0.67 -16.63 4.83
CA ALA A 246 -0.08 -17.29 3.77
C ALA A 246 0.84 -17.81 2.67
N ILE A 247 1.97 -17.11 2.44
CA ILE A 247 2.98 -17.63 1.52
C ILE A 247 3.52 -18.95 2.05
N LYS A 248 3.80 -18.98 3.35
CA LYS A 248 4.31 -20.19 3.97
C LYS A 248 3.28 -21.32 3.95
N ASP A 249 2.01 -20.97 4.12
CA ASP A 249 0.88 -21.93 4.10
C ASP A 249 0.64 -22.50 2.70
N GLY A 250 1.16 -21.80 1.69
CA GLY A 250 0.96 -22.19 0.30
C GLY A 250 -0.30 -21.63 -0.34
N THR A 251 -1.04 -20.81 0.39
CA THR A 251 -2.32 -20.27 -0.11
C THR A 251 -2.16 -18.93 -0.85
N LEU A 252 -1.06 -18.23 -0.61
CA LEU A 252 -0.72 -17.01 -1.33
C LEU A 252 0.49 -17.32 -2.19
N LEU A 253 0.37 -17.12 -3.51
CA LEU A 253 1.46 -17.45 -4.42
C LEU A 253 2.64 -16.50 -4.24
N GLY A 254 2.34 -15.23 -4.08
CA GLY A 254 3.42 -14.28 -3.96
C GLY A 254 2.88 -12.94 -3.54
N THR A 255 3.81 -12.06 -3.16
CA THR A 255 3.45 -10.70 -2.80
C THR A 255 4.66 -9.83 -3.08
N VAL A 256 4.58 -8.58 -2.65
CA VAL A 256 5.64 -7.61 -2.89
C VAL A 256 5.87 -6.90 -1.59
N LEU A 257 7.10 -6.91 -1.09
CA LEU A 257 7.39 -6.23 0.16
C LEU A 257 7.25 -4.73 0.00
N ASN A 258 6.36 -4.16 0.80
CA ASN A 258 6.18 -2.72 0.91
C ASN A 258 6.96 -2.36 2.15
N ASP A 259 8.05 -1.65 1.97
CA ASP A 259 9.04 -1.49 3.03
C ASP A 259 8.63 -0.41 4.02
N ALA A 260 7.76 -0.79 4.97
CA ALA A 260 7.22 0.13 5.95
C ALA A 260 8.31 0.72 6.83
N LYS A 261 9.31 -0.08 7.16
CA LYS A 261 10.33 0.38 8.08
C LYS A 261 11.13 1.53 7.47
N ASN A 262 11.56 1.41 6.22
CA ASN A 262 12.30 2.52 5.61
C ASN A 262 11.41 3.69 5.23
N GLN A 263 10.15 3.43 4.88
CA GLN A 263 9.24 4.53 4.63
C GLN A 263 9.03 5.31 5.93
N ALA A 264 8.89 4.60 7.06
CA ALA A 264 8.72 5.28 8.34
C ALA A 264 9.95 6.09 8.72
N LYS A 265 11.14 5.53 8.50
CA LYS A 265 12.38 6.22 8.83
CA LYS A 265 12.37 6.22 8.83
C LYS A 265 12.54 7.48 7.99
N ALA A 266 12.26 7.37 6.68
CA ALA A 266 12.38 8.54 5.81
C ALA A 266 11.39 9.62 6.23
N THR A 267 10.16 9.21 6.53
CA THR A 267 9.13 10.15 6.93
C THR A 267 9.52 10.84 8.22
N PHE A 268 9.88 10.05 9.22
CA PHE A 268 10.32 10.65 10.47
C PHE A 268 11.52 11.57 10.27
N ASN A 269 12.53 11.11 9.53
CA ASN A 269 13.75 11.90 9.38
C ASN A 269 13.45 13.25 8.73
N ILE A 270 12.57 13.26 7.74
CA ILE A 270 12.21 14.50 7.09
C ILE A 270 11.50 15.43 8.07
N ALA A 271 10.52 14.90 8.80
CA ALA A 271 9.76 15.71 9.75
C ALA A 271 10.68 16.26 10.83
N TYR A 272 11.67 15.46 11.23
CA TYR A 272 12.58 15.80 12.31
C TYR A 272 13.51 16.92 11.87
N GLU A 273 14.04 16.83 10.64
CA GLU A 273 14.89 17.90 10.14
C GLU A 273 14.07 19.18 9.99
N LEU A 274 12.87 19.08 9.44
CA LEU A 274 12.04 20.26 9.22
C LEU A 274 11.63 20.88 10.56
N ALA A 275 11.43 20.03 11.57
CA ALA A 275 11.05 20.52 12.89
C ALA A 275 12.18 21.35 13.49
N GLN A 276 13.40 21.07 13.07
CA GLN A 276 14.59 21.78 13.56
C GLN A 276 14.92 22.99 12.69
N GLY A 277 14.12 23.23 11.66
CA GLY A 277 14.38 24.32 10.74
C GLY A 277 15.49 24.01 9.74
N ILE A 278 15.75 22.73 9.54
CA ILE A 278 16.80 22.28 8.62
C ILE A 278 16.17 21.72 7.33
N THR A 279 16.71 22.14 6.19
CA THR A 279 16.22 21.64 4.90
C THR A 279 16.70 20.21 4.66
N PRO A 280 15.77 19.26 4.40
CA PRO A 280 16.17 17.88 4.10
C PRO A 280 17.16 17.76 2.94
N THR A 281 18.18 16.94 3.12
CA THR A 281 19.14 16.56 2.07
C THR A 281 19.31 15.06 2.16
N LYS A 282 19.84 14.44 1.10
CA LYS A 282 20.16 13.02 1.16
C LYS A 282 21.07 12.72 2.35
N ASP A 283 22.01 13.61 2.62
CA ASP A 283 22.93 13.40 3.74
C ASP A 283 22.22 13.39 5.09
N ASN A 284 21.29 14.32 5.32
CA ASN A 284 20.75 14.43 6.67
C ASN A 284 19.45 13.64 6.89
N ILE A 285 18.84 13.08 5.83
CA ILE A 285 17.74 12.14 6.06
C ILE A 285 18.10 10.69 5.71
N GLY A 286 19.17 10.49 4.94
CA GLY A 286 19.64 9.14 4.65
C GLY A 286 19.03 8.42 3.46
N TYR A 287 18.34 9.17 2.60
CA TYR A 287 17.67 8.62 1.42
C TYR A 287 17.75 9.60 0.26
N ASP A 288 17.80 9.07 -0.97
CA ASP A 288 17.71 9.91 -2.17
C ASP A 288 16.41 10.69 -2.20
N ILE A 289 16.51 11.96 -2.58
CA ILE A 289 15.33 12.80 -2.77
C ILE A 289 15.17 13.02 -4.27
N THR A 290 13.95 12.79 -4.75
CA THR A 290 13.65 12.86 -6.18
C THR A 290 12.76 14.07 -6.48
N ASP A 291 13.05 14.78 -7.56
CA ASP A 291 12.25 15.95 -7.94
C ASP A 291 12.17 16.98 -6.79
N GLY A 292 13.21 17.01 -5.96
CA GLY A 292 13.28 17.94 -4.85
C GLY A 292 12.33 17.72 -3.69
N LYS A 293 11.41 16.77 -3.81
CA LYS A 293 10.32 16.65 -2.85
C LYS A 293 9.99 15.23 -2.41
N TYR A 294 10.41 14.23 -3.17
CA TYR A 294 9.93 12.86 -2.98
C TYR A 294 11.00 11.92 -2.50
N VAL A 295 10.64 11.03 -1.58
CA VAL A 295 11.51 9.92 -1.24
C VAL A 295 10.80 8.62 -1.64
N TRP A 296 11.38 7.92 -2.61
CA TRP A 296 10.85 6.65 -3.10
C TRP A 296 11.62 5.49 -2.52
N ILE A 297 10.90 4.57 -1.88
CA ILE A 297 11.50 3.41 -1.27
C ILE A 297 11.20 2.20 -2.17
N PRO A 298 12.21 1.39 -2.49
CA PRO A 298 11.96 0.28 -3.43
C PRO A 298 10.99 -0.77 -2.90
N TYR A 299 10.27 -1.37 -3.84
CA TYR A 299 9.52 -2.60 -3.61
C TYR A 299 10.40 -3.80 -3.91
N LYS A 300 10.05 -4.96 -3.34
CA LYS A 300 10.83 -6.19 -3.56
C LYS A 300 9.89 -7.40 -3.73
N LYS A 301 10.11 -8.19 -4.77
CA LYS A 301 9.29 -9.39 -5.02
C LYS A 301 9.51 -10.45 -3.92
N ILE A 302 8.42 -11.05 -3.44
CA ILE A 302 8.48 -12.09 -2.40
C ILE A 302 7.64 -13.30 -2.80
N THR A 303 8.30 -14.46 -2.88
CA THR A 303 7.59 -15.73 -3.04
C THR A 303 8.16 -16.72 -2.03
N LYS A 304 7.70 -17.97 -2.08
CA LYS A 304 8.24 -18.95 -1.14
C LYS A 304 9.75 -19.11 -1.31
N ASP A 305 10.26 -18.78 -2.50
CA ASP A 305 11.69 -18.94 -2.80
C ASP A 305 12.59 -17.96 -2.03
N ASN A 306 12.03 -16.86 -1.55
CA ASN A 306 12.84 -15.88 -0.83
C ASN A 306 12.06 -15.24 0.30
N ILE A 307 11.24 -16.06 0.96
CA ILE A 307 10.36 -15.55 2.01
C ILE A 307 11.16 -14.85 3.12
N SER A 308 12.42 -15.23 3.32
CA SER A 308 13.21 -14.61 4.37
C SER A 308 13.57 -13.16 4.07
N ASP A 309 13.54 -12.75 2.80
CA ASP A 309 13.76 -11.35 2.43
C ASP A 309 12.69 -10.44 3.00
N ALA A 310 11.55 -11.01 3.38
CA ALA A 310 10.47 -10.22 3.97
C ALA A 310 10.55 -10.23 5.50
N GLU A 311 11.42 -11.10 6.03
CA GLU A 311 11.59 -11.25 7.47
C GLU A 311 13.00 -10.87 7.90
#